data_4PL9
#
_entry.id   4PL9
#
_cell.length_a   76.260
_cell.length_b   83.120
_cell.length_c   91.930
_cell.angle_alpha   90.00
_cell.angle_beta   90.00
_cell.angle_gamma   90.00
#
_symmetry.space_group_name_H-M   'I 21 21 21'
#
loop_
_entity.id
_entity.type
_entity.pdbx_description
1 polymer 'Ethylene receptor 1'
2 non-polymer 'CADMIUM ION'
3 non-polymer 'CHLORIDE ION'
4 non-polymer "ADENOSINE-5'-DIPHOSPHATE"
5 non-polymer 'ACETATE ION'
6 water water
#
_entity_poly.entity_id   1
_entity_poly.type   'polypeptide(L)'
_entity_poly.pdbx_seq_one_letter_code
;DGSLQLELGTFNLHTLFREVLNLIKPIAVVKKLPITLNLAPDLPEFVVGDEKRLMQIILNIVGNAVKFSKQGSISVTALV
TKSDTRAADFFVVPTGSHFYLRVKVKDSGAGINPQDIPKIFTKFAQTQSLATRSSGGSGLGLAISKRFVNLMEGNIWIES
DGLGKGCTAIFDVKLGISERSNE
;
_entity_poly.pdbx_strand_id   A
#
loop_
_chem_comp.id
_chem_comp.type
_chem_comp.name
_chem_comp.formula
ACT non-polymer 'ACETATE ION' 'C2 H3 O2 -1'
ADP non-polymer ADENOSINE-5'-DIPHOSPHATE 'C10 H15 N5 O10 P2'
CD non-polymer 'CADMIUM ION' 'Cd 2'
CL non-polymer 'CHLORIDE ION' 'Cl -1'
#
# COMPACT_ATOMS: atom_id res chain seq x y z
N SER A 3 11.89 18.42 -8.03
CA SER A 3 13.15 18.38 -7.29
C SER A 3 13.46 16.92 -6.89
N LEU A 4 12.40 16.14 -6.68
CA LEU A 4 12.55 14.75 -6.21
C LEU A 4 13.14 13.84 -7.26
N GLN A 5 14.03 12.94 -6.83
CA GLN A 5 14.73 12.05 -7.75
C GLN A 5 14.79 10.62 -7.19
N LEU A 6 14.45 9.63 -8.00
CA LEU A 6 14.56 8.24 -7.57
C LEU A 6 16.00 7.87 -7.21
N GLU A 7 16.13 7.07 -6.15
CA GLU A 7 17.41 6.49 -5.79
C GLU A 7 17.32 4.98 -5.99
N LEU A 8 17.98 4.51 -7.04
CA LEU A 8 17.77 3.13 -7.50
C LEU A 8 18.78 2.17 -6.95
N GLY A 9 18.29 0.97 -6.67
CA GLY A 9 19.14 -0.14 -6.31
C GLY A 9 18.36 -1.41 -6.55
N THR A 10 19.02 -2.56 -6.41
CA THR A 10 18.38 -3.85 -6.57
C THR A 10 18.01 -4.39 -5.20
N PHE A 11 16.79 -4.89 -5.05
CA PHE A 11 16.36 -5.47 -3.78
C PHE A 11 15.35 -6.58 -4.03
N ASN A 12 15.09 -7.36 -2.98
CA ASN A 12 14.11 -8.43 -3.05
C ASN A 12 12.75 -7.89 -2.63
N LEU A 13 11.85 -7.81 -3.61
CA LEU A 13 10.52 -7.24 -3.40
C LEU A 13 9.71 -8.08 -2.43
N HIS A 14 9.85 -9.41 -2.51
CA HIS A 14 9.10 -10.32 -1.63
C HIS A 14 9.49 -10.05 -0.18
N THR A 15 10.80 -9.91 0.06
CA THR A 15 11.33 -9.65 1.39
C THR A 15 10.79 -8.34 1.95
N LEU A 16 10.68 -7.33 1.07
CA LEU A 16 10.20 -6.03 1.50
C LEU A 16 8.79 -6.16 2.06
N PHE A 17 7.93 -6.94 1.42
CA PHE A 17 6.57 -7.11 1.92
C PHE A 17 6.55 -7.82 3.25
N ARG A 18 7.37 -8.85 3.39
CA ARG A 18 7.43 -9.56 4.65
C ARG A 18 7.98 -8.65 5.75
N GLU A 19 8.92 -7.78 5.40
CA GLU A 19 9.45 -6.84 6.40
C GLU A 19 8.38 -5.88 6.89
N VAL A 20 7.56 -5.36 5.97
CA VAL A 20 6.48 -4.47 6.35
C VAL A 20 5.51 -5.18 7.28
N LEU A 21 5.12 -6.40 6.90
CA LEU A 21 4.19 -7.17 7.72
C LEU A 21 4.78 -7.43 9.11
N ASN A 22 6.08 -7.68 9.17
CA ASN A 22 6.75 -7.93 10.44
CA ASN A 22 6.77 -7.93 10.43
C ASN A 22 6.72 -6.72 11.39
N LEU A 23 6.75 -5.51 10.83
CA LEU A 23 6.65 -4.29 11.64
C LEU A 23 5.21 -4.04 12.13
N ILE A 24 4.25 -4.43 11.30
CA ILE A 24 2.84 -4.14 11.56
C ILE A 24 2.17 -5.25 12.38
N LYS A 25 2.57 -6.51 12.17
CA LYS A 25 1.94 -7.65 12.85
C LYS A 25 1.73 -7.52 14.37
N PRO A 26 2.74 -7.11 15.13
CA PRO A 26 2.54 -7.08 16.59
C PRO A 26 1.43 -6.10 17.01
N ILE A 27 1.32 -5.03 16.26
CA ILE A 27 0.28 -4.04 16.48
C ILE A 27 -1.10 -4.58 16.05
N ALA A 28 -1.15 -5.26 14.91
CA ALA A 28 -2.38 -5.94 14.48
C ALA A 28 -2.81 -6.97 15.55
N VAL A 29 -1.85 -7.69 16.09
CA VAL A 29 -2.13 -8.68 17.12
C VAL A 29 -2.77 -8.05 18.35
N VAL A 30 -2.25 -6.90 18.77
CA VAL A 30 -2.81 -6.22 19.94
C VAL A 30 -4.24 -5.78 19.64
N LYS A 31 -4.48 -5.29 18.44
CA LYS A 31 -5.82 -4.84 18.07
C LYS A 31 -6.70 -6.00 17.63
N LYS A 32 -6.13 -7.20 17.62
CA LYS A 32 -6.86 -8.42 17.25
C LYS A 32 -7.40 -8.38 15.84
N LEU A 33 -6.57 -7.89 14.91
CA LEU A 33 -6.92 -7.78 13.50
C LEU A 33 -6.10 -8.79 12.70
N PRO A 34 -6.72 -9.89 12.29
CA PRO A 34 -5.96 -10.80 11.44
C PRO A 34 -5.54 -10.12 10.14
N ILE A 35 -4.33 -10.39 9.69
CA ILE A 35 -3.82 -9.75 8.50
C ILE A 35 -3.14 -10.79 7.62
N THR A 36 -3.40 -10.76 6.32
CA THR A 36 -2.84 -11.75 5.41
C THR A 36 -2.07 -11.08 4.28
N LEU A 37 -1.02 -11.75 3.80
CA LEU A 37 -0.25 -11.26 2.67
C LEU A 37 -0.34 -12.27 1.57
N ASN A 38 -0.65 -11.81 0.37
CA ASN A 38 -0.68 -12.68 -0.79
CA ASN A 38 -0.70 -12.69 -0.81
C ASN A 38 0.12 -12.08 -1.95
N LEU A 39 1.14 -12.82 -2.38
CA LEU A 39 2.00 -12.41 -3.47
C LEU A 39 1.62 -13.27 -4.64
N ALA A 40 1.32 -12.62 -5.77
CA ALA A 40 0.97 -13.35 -6.98
C ALA A 40 2.11 -14.27 -7.42
N PRO A 41 1.77 -15.42 -8.01
CA PRO A 41 2.76 -16.39 -8.47
C PRO A 41 3.70 -15.80 -9.50
N ASP A 42 3.29 -14.76 -10.21
CA ASP A 42 4.17 -14.14 -11.20
C ASP A 42 4.80 -12.82 -10.74
N LEU A 43 4.76 -12.56 -9.44
CA LEU A 43 5.33 -11.34 -8.91
C LEU A 43 6.85 -11.43 -8.91
N PRO A 44 7.51 -10.54 -9.66
CA PRO A 44 8.97 -10.52 -9.72
C PRO A 44 9.59 -10.44 -8.31
N GLU A 45 10.72 -11.12 -8.13
CA GLU A 45 11.35 -11.18 -6.83
C GLU A 45 12.44 -10.11 -6.72
N PHE A 46 13.46 -10.20 -7.57
CA PHE A 46 14.51 -9.20 -7.57
C PHE A 46 14.23 -8.08 -8.57
N VAL A 47 14.10 -6.87 -8.04
CA VAL A 47 13.67 -5.75 -8.83
C VAL A 47 14.64 -4.57 -8.68
N VAL A 48 14.51 -3.61 -9.59
CA VAL A 48 15.29 -2.39 -9.52
C VAL A 48 14.34 -1.23 -9.28
N GLY A 49 14.58 -0.47 -8.21
CA GLY A 49 13.73 0.66 -7.89
C GLY A 49 14.19 1.35 -6.63
N ASP A 50 13.35 2.22 -6.08
CA ASP A 50 13.70 3.01 -4.93
C ASP A 50 13.12 2.35 -3.67
N GLU A 51 13.94 1.54 -3.00
CA GLU A 51 13.46 0.70 -1.90
C GLU A 51 12.92 1.52 -0.74
N LYS A 52 13.61 2.60 -0.37
CA LYS A 52 13.13 3.30 0.82
C LYS A 52 11.83 4.03 0.52
N ARG A 53 11.66 4.54 -0.69
CA ARG A 53 10.40 5.20 -1.02
C ARG A 53 9.26 4.21 -1.20
N LEU A 54 9.55 3.06 -1.80
CA LEU A 54 8.53 2.04 -1.93
C LEU A 54 8.11 1.56 -0.55
N MET A 55 9.08 1.41 0.35
CA MET A 55 8.73 0.96 1.68
C MET A 55 7.82 1.94 2.39
N GLN A 56 8.09 3.23 2.23
CA GLN A 56 7.26 4.27 2.84
C GLN A 56 5.80 4.16 2.40
N ILE A 57 5.60 3.92 1.11
CA ILE A 57 4.25 3.81 0.53
C ILE A 57 3.50 2.62 1.14
N ILE A 58 4.13 1.45 1.11
CA ILE A 58 3.49 0.23 1.56
C ILE A 58 3.24 0.31 3.07
N LEU A 59 4.23 0.80 3.81
CA LEU A 59 4.09 0.92 5.27
C LEU A 59 2.94 1.85 5.67
N ASN A 60 2.81 2.97 5.00
CA ASN A 60 1.72 3.84 5.39
CA ASN A 60 1.74 3.92 5.27
C ASN A 60 0.36 3.31 5.00
N ILE A 61 0.22 2.63 3.86
CA ILE A 61 -1.08 2.11 3.49
C ILE A 61 -1.49 0.88 4.29
N VAL A 62 -0.54 -0.02 4.56
CA VAL A 62 -0.85 -1.17 5.39
C VAL A 62 -1.09 -0.69 6.81
N GLY A 63 -0.30 0.29 7.24
CA GLY A 63 -0.43 0.86 8.57
C GLY A 63 -1.78 1.55 8.79
N ASN A 64 -2.24 2.27 7.77
CA ASN A 64 -3.57 2.86 7.82
C ASN A 64 -4.67 1.86 8.02
N ALA A 65 -4.57 0.71 7.35
CA ALA A 65 -5.57 -0.34 7.47
C ALA A 65 -5.67 -0.80 8.91
N VAL A 66 -4.52 -0.98 9.57
CA VAL A 66 -4.52 -1.36 10.97
C VAL A 66 -5.04 -0.25 11.85
N LYS A 67 -4.56 0.95 11.60
CA LYS A 67 -4.94 2.13 12.38
C LYS A 67 -6.45 2.40 12.37
N PHE A 68 -7.07 2.33 11.19
CA PHE A 68 -8.45 2.75 11.04
C PHE A 68 -9.45 1.61 11.13
N SER A 69 -8.96 0.40 11.35
CA SER A 69 -9.86 -0.72 11.56
C SER A 69 -10.00 -1.03 13.04
N LYS A 70 -11.22 -1.29 13.47
CA LYS A 70 -11.51 -1.56 14.86
C LYS A 70 -11.68 -3.06 15.07
N GLN A 71 -12.24 -3.73 14.07
CA GLN A 71 -12.33 -5.18 14.07
C GLN A 71 -12.32 -5.67 12.64
N GLY A 72 -12.25 -6.99 12.46
CA GLY A 72 -12.29 -7.60 11.15
C GLY A 72 -10.88 -7.91 10.70
N SER A 73 -10.72 -8.24 9.43
CA SER A 73 -9.42 -8.64 8.93
C SER A 73 -8.90 -7.66 7.88
N ILE A 74 -7.60 -7.76 7.61
CA ILE A 74 -6.94 -6.94 6.60
C ILE A 74 -6.25 -7.87 5.63
N SER A 75 -6.34 -7.57 4.34
CA SER A 75 -5.61 -8.32 3.33
C SER A 75 -4.70 -7.38 2.51
N VAL A 76 -3.49 -7.86 2.29
CA VAL A 76 -2.52 -7.16 1.49
C VAL A 76 -2.24 -8.08 0.29
N THR A 77 -2.48 -7.57 -0.90
CA THR A 77 -2.32 -8.35 -2.11
C THR A 77 -1.36 -7.65 -3.04
N ALA A 78 -0.34 -8.36 -3.51
CA ALA A 78 0.65 -7.79 -4.42
C ALA A 78 0.62 -8.58 -5.72
N LEU A 79 0.51 -7.87 -6.83
CA LEU A 79 0.41 -8.52 -8.13
C LEU A 79 0.98 -7.65 -9.23
N VAL A 80 0.84 -8.12 -10.47
CA VAL A 80 1.40 -7.43 -11.62
C VAL A 80 0.25 -6.88 -12.46
N THR A 81 0.32 -5.60 -12.79
CA THR A 81 -0.58 -4.99 -13.77
C THR A 81 0.10 -4.98 -15.10
N LYS A 82 -0.43 -5.76 -16.05
CA LYS A 82 0.19 -5.84 -17.37
C LYS A 82 -0.15 -4.57 -18.14
N SER A 83 0.79 -4.01 -18.90
CA SER A 83 0.50 -2.78 -19.62
C SER A 83 0.85 -2.85 -21.11
N SER A 97 14.11 -4.30 -18.68
CA SER A 97 12.65 -4.40 -18.74
C SER A 97 11.99 -4.04 -17.40
N HIS A 98 10.72 -3.67 -17.48
CA HIS A 98 10.02 -3.11 -16.34
C HIS A 98 8.66 -3.77 -16.23
N PHE A 99 7.99 -3.53 -15.11
CA PHE A 99 6.61 -3.99 -14.93
C PHE A 99 5.92 -3.07 -13.96
N TYR A 100 4.62 -3.23 -13.84
CA TYR A 100 3.85 -2.45 -12.86
C TYR A 100 3.48 -3.34 -11.71
N LEU A 101 3.96 -2.98 -10.53
CA LEU A 101 3.57 -3.64 -9.30
C LEU A 101 2.24 -3.06 -8.83
N ARG A 102 1.25 -3.91 -8.59
CA ARG A 102 0.03 -3.46 -7.94
C ARG A 102 -0.04 -3.97 -6.52
N VAL A 103 -0.35 -3.07 -5.58
CA VAL A 103 -0.63 -3.46 -4.22
C VAL A 103 -2.04 -3.01 -3.85
N LYS A 104 -2.82 -3.94 -3.31
CA LYS A 104 -4.18 -3.63 -2.82
C LYS A 104 -4.26 -3.93 -1.35
N VAL A 105 -4.67 -2.95 -0.56
CA VAL A 105 -4.84 -3.18 0.86
C VAL A 105 -6.30 -2.95 1.23
N LYS A 106 -6.98 -4.03 1.59
CA LYS A 106 -8.38 -4.00 1.93
C LYS A 106 -8.52 -4.15 3.43
N ASP A 107 -9.23 -3.22 4.06
CA ASP A 107 -9.47 -3.32 5.50
C ASP A 107 -10.95 -3.48 5.82
N SER A 108 -11.25 -3.53 7.11
CA SER A 108 -12.62 -3.76 7.54
CA SER A 108 -12.60 -3.78 7.57
C SER A 108 -13.09 -2.62 8.43
N GLY A 109 -12.69 -1.41 8.09
CA GLY A 109 -13.13 -0.23 8.82
C GLY A 109 -14.61 0.10 8.60
N ALA A 110 -14.99 1.27 9.10
CA ALA A 110 -16.38 1.72 9.09
C ALA A 110 -16.80 2.26 7.72
N GLY A 111 -15.87 2.30 6.78
CA GLY A 111 -16.12 2.79 5.45
C GLY A 111 -15.76 4.27 5.35
N ILE A 112 -15.67 4.76 4.12
CA ILE A 112 -15.37 6.17 3.85
C ILE A 112 -16.48 6.78 2.99
N ASN A 113 -17.04 7.90 3.45
CA ASN A 113 -18.10 8.59 2.72
CA ASN A 113 -18.09 8.63 2.72
C ASN A 113 -17.56 9.09 1.37
N PRO A 114 -18.38 9.01 0.33
CA PRO A 114 -17.93 9.47 -0.99
C PRO A 114 -17.40 10.91 -1.00
N GLN A 115 -18.03 11.81 -0.24
CA GLN A 115 -17.61 13.21 -0.24
C GLN A 115 -16.18 13.37 0.29
N ASP A 116 -15.77 12.44 1.16
CA ASP A 116 -14.47 12.54 1.81
C ASP A 116 -13.31 12.00 0.97
N ILE A 117 -13.60 11.15 0.00
CA ILE A 117 -12.53 10.56 -0.80
C ILE A 117 -11.75 11.57 -1.69
N PRO A 118 -12.43 12.49 -2.40
CA PRO A 118 -11.63 13.39 -3.25
C PRO A 118 -10.63 14.25 -2.50
N LYS A 119 -10.82 14.45 -1.20
CA LYS A 119 -9.89 15.31 -0.47
C LYS A 119 -8.92 14.52 0.39
N ILE A 120 -8.89 13.20 0.21
CA ILE A 120 -8.14 12.33 1.10
C ILE A 120 -6.62 12.53 1.01
N PHE A 121 -6.13 13.05 -0.10
CA PHE A 121 -4.71 13.25 -0.25
C PHE A 121 -4.28 14.67 0.19
N THR A 122 -5.27 15.51 0.50
CA THR A 122 -5.05 16.90 0.86
C THR A 122 -5.77 17.31 2.15
N LYS A 123 -6.01 16.34 3.03
CA LYS A 123 -6.88 16.52 4.20
C LYS A 123 -6.31 17.48 5.28
N PHE A 124 -5.09 17.97 5.09
CA PHE A 124 -4.50 18.94 6.00
C PHE A 124 -4.77 20.37 5.51
N SER A 138 -5.37 16.75 9.55
CA SER A 138 -4.16 16.23 10.16
C SER A 138 -3.75 14.89 9.50
N GLY A 139 -2.51 14.80 9.05
CA GLY A 139 -1.96 13.53 8.58
C GLY A 139 -1.23 13.63 7.25
N LEU A 140 -0.04 13.05 7.14
CA LEU A 140 0.86 13.34 6.02
C LEU A 140 1.19 12.13 5.14
N GLY A 141 0.81 10.93 5.60
CA GLY A 141 1.22 9.69 4.97
C GLY A 141 0.85 9.57 3.50
N LEU A 142 -0.41 9.87 3.17
CA LEU A 142 -0.88 9.65 1.81
C LEU A 142 -0.36 10.76 0.89
N ALA A 143 -0.23 11.98 1.40
CA ALA A 143 0.35 13.05 0.61
C ALA A 143 1.77 12.71 0.17
N ILE A 144 2.55 12.14 1.07
CA ILE A 144 3.91 11.74 0.74
C ILE A 144 3.90 10.56 -0.24
N SER A 145 3.03 9.59 0.03
CA SER A 145 2.91 8.41 -0.85
C SER A 145 2.55 8.78 -2.28
N LYS A 146 1.64 9.73 -2.42
CA LYS A 146 1.25 10.24 -3.74
C LYS A 146 2.44 10.78 -4.55
N ARG A 147 3.28 11.60 -3.93
CA ARG A 147 4.49 12.10 -4.60
C ARG A 147 5.42 10.96 -5.01
N PHE A 148 5.57 9.96 -4.15
CA PHE A 148 6.44 8.83 -4.45
C PHE A 148 5.87 7.99 -5.60
N VAL A 149 4.55 7.77 -5.57
CA VAL A 149 3.90 7.00 -6.62
C VAL A 149 4.06 7.74 -7.94
N ASN A 150 3.87 9.06 -7.93
CA ASN A 150 4.05 9.86 -9.13
CA ASN A 150 4.06 9.87 -9.12
C ASN A 150 5.48 9.75 -9.66
N LEU A 151 6.46 9.73 -8.75
CA LEU A 151 7.86 9.56 -9.15
C LEU A 151 8.09 8.22 -9.86
N MET A 152 7.29 7.22 -9.52
CA MET A 152 7.45 5.91 -10.11
C MET A 152 6.41 5.74 -11.23
N GLU A 153 6.02 6.86 -11.82
CA GLU A 153 5.10 6.86 -12.97
C GLU A 153 3.85 6.02 -12.74
N GLY A 154 3.30 6.10 -11.53
CA GLY A 154 2.22 5.23 -11.12
C GLY A 154 0.88 5.92 -10.87
N ASN A 155 0.00 5.21 -10.19
CA ASN A 155 -1.35 5.69 -9.89
C ASN A 155 -1.70 5.16 -8.52
N ILE A 156 -2.34 5.98 -7.69
CA ILE A 156 -2.77 5.54 -6.37
C ILE A 156 -4.15 6.10 -6.09
N TRP A 157 -5.03 5.30 -5.50
CA TRP A 157 -6.36 5.79 -5.15
C TRP A 157 -6.92 4.99 -3.98
N ILE A 158 -7.94 5.53 -3.34
CA ILE A 158 -8.67 4.82 -2.33
C ILE A 158 -10.12 4.77 -2.73
N GLU A 159 -10.77 3.66 -2.40
CA GLU A 159 -12.18 3.47 -2.70
C GLU A 159 -12.87 2.76 -1.53
N SER A 160 -14.16 3.05 -1.39
CA SER A 160 -14.96 2.41 -0.36
C SER A 160 -16.38 2.22 -0.85
N ASP A 161 -16.95 1.06 -0.54
CA ASP A 161 -18.35 0.79 -0.87
C ASP A 161 -19.32 1.45 0.13
N GLY A 162 -18.78 2.11 1.16
CA GLY A 162 -19.59 2.87 2.09
C GLY A 162 -19.70 2.28 3.49
N LEU A 163 -20.79 2.60 4.17
CA LEU A 163 -20.98 2.28 5.58
C LEU A 163 -20.73 0.83 5.90
N GLY A 164 -19.80 0.58 6.81
CA GLY A 164 -19.51 -0.76 7.30
C GLY A 164 -18.74 -1.64 6.33
N LYS A 165 -18.25 -1.07 5.25
CA LYS A 165 -17.61 -1.88 4.22
C LYS A 165 -16.10 -1.72 4.14
N GLY A 166 -15.51 -0.99 5.08
CA GLY A 166 -14.08 -0.70 5.01
C GLY A 166 -13.72 0.03 3.73
N CYS A 167 -12.46 -0.08 3.33
CA CYS A 167 -12.01 0.54 2.10
C CYS A 167 -10.89 -0.30 1.51
N THR A 168 -10.54 -0.01 0.26
CA THR A 168 -9.36 -0.59 -0.35
C THR A 168 -8.47 0.54 -0.86
N ALA A 169 -7.21 0.49 -0.50
CA ALA A 169 -6.23 1.41 -1.03
C ALA A 169 -5.42 0.64 -2.07
N ILE A 170 -5.24 1.24 -3.24
CA ILE A 170 -4.57 0.53 -4.32
C ILE A 170 -3.55 1.46 -4.95
N PHE A 171 -2.37 0.91 -5.23
CA PHE A 171 -1.45 1.65 -6.09
C PHE A 171 -0.75 0.77 -7.11
N ASP A 172 -0.41 1.38 -8.25
CA ASP A 172 0.45 0.78 -9.27
C ASP A 172 1.71 1.63 -9.35
N VAL A 173 2.88 1.00 -9.35
CA VAL A 173 4.14 1.70 -9.53
C VAL A 173 5.02 0.92 -10.48
N LYS A 174 5.82 1.64 -11.28
CA LYS A 174 6.72 0.99 -12.22
C LYS A 174 8.03 0.60 -11.54
N LEU A 175 8.47 -0.63 -11.78
CA LEU A 175 9.72 -1.14 -11.24
C LEU A 175 10.52 -1.81 -12.36
N GLY A 176 11.84 -1.86 -12.19
CA GLY A 176 12.69 -2.60 -13.11
C GLY A 176 12.77 -4.03 -12.68
N ILE A 177 13.03 -4.93 -13.61
CA ILE A 177 13.28 -6.32 -13.25
C ILE A 177 14.78 -6.58 -13.33
N SER A 178 15.35 -7.14 -12.27
CA SER A 178 16.79 -7.40 -12.21
C SER A 178 17.19 -8.50 -13.19
CD CD B . -1.47 7.39 7.82
CD CD C . -0.18 9.94 10.54
CD CD D . -10.57 1.72 5.55
CD CD E . -11.83 -0.92 -7.63
CD CD F . 13.72 -16.81 -4.75
CD CD G . 17.57 9.76 -0.13
CD CD H . 8.74 6.61 -18.49
CD CD I . 17.16 -3.72 1.45
CD CD J . 10.36 -0.83 -20.11
CD CD K . 14.41 1.94 -15.73
CD CD L . -16.77 -2.10 -4.67
CL CL M . -12.78 2.35 6.37
PB ADP N . -3.25 10.06 8.78
O1B ADP N . -2.13 10.70 9.51
O2B ADP N . -3.35 8.57 8.87
O3B ADP N . -4.54 10.77 9.07
PA ADP N . -2.98 9.72 5.88
O1A ADP N . -2.39 8.35 5.88
O2A ADP N . -2.51 10.67 4.81
O3A ADP N . -2.87 10.51 7.28
O5' ADP N . -4.56 9.53 5.76
C5' ADP N . -5.33 10.68 5.42
C4' ADP N . -6.75 10.40 5.85
O4' ADP N . -7.28 9.41 4.98
C3' ADP N . -6.86 9.80 7.24
O3' ADP N . -6.84 10.77 8.29
C2' ADP N . -8.19 9.08 7.13
O2' ADP N . -9.33 9.96 7.23
C1' ADP N . -8.18 8.58 5.71
N9 ADP N . -7.70 7.17 5.59
C8 ADP N . -6.51 6.78 5.10
N7 ADP N . -6.43 5.43 5.10
C5 ADP N . -7.60 4.99 5.59
C6 ADP N . -8.19 3.68 5.84
N6 ADP N . -7.45 2.57 5.57
N1 ADP N . -9.43 3.65 6.35
C2 ADP N . -10.15 4.75 6.62
N3 ADP N . -9.69 5.97 6.42
C4 ADP N . -8.44 6.14 5.90
H5'1 ADP N . -4.94 11.56 5.94
H5'2 ADP N . -5.29 10.86 4.34
H4' ADP N . -7.34 11.33 5.80
H3' ADP N . -6.05 9.06 7.39
HO3' ADP N . -6.91 10.33 9.14
H2' ADP N . -8.25 8.24 7.85
HO2' ADP N . -9.32 10.39 8.09
H1' ADP N . -9.19 8.67 5.30
H8 ADP N . -5.72 7.44 4.77
HN61 ADP N . -7.84 1.66 5.76
HN62 ADP N . -6.52 2.67 5.20
H2 ADP N . -11.15 4.63 7.03
C ACT O . 8.89 -15.23 -9.33
O ACT O . 10.12 -15.51 -9.22
OXT ACT O . 8.21 -15.11 -8.27
CH3 ACT O . 8.27 -15.04 -10.67
H1 ACT O . 9.02 -15.19 -11.44
H2 ACT O . 7.85 -14.04 -10.74
H3 ACT O . 7.47 -15.77 -10.81
#